data_6ZRM
#
_entry.id   6ZRM
#
_entity_poly.entity_id   1
_entity_poly.type   'polydeoxyribonucleotide'
_entity_poly.pdbx_seq_one_letter_code
;(DT)(DG)(DG)(DG)(DA)(DG)(DG)(DG)(DA)(DG)(DC)(DG)(DG)(DG)(DA)(DG)(DT)(DG)(DG)(DG)
;
_entity_poly.pdbx_strand_id   A
#
loop_
_chem_comp.id
_chem_comp.type
_chem_comp.name
_chem_comp.formula
DA DNA linking 2'-DEOXYADENOSINE-5'-MONOPHOSPHATE 'C10 H14 N5 O6 P'
DC DNA linking 2'-DEOXYCYTIDINE-5'-MONOPHOSPHATE 'C9 H14 N3 O7 P'
DG DNA linking 2'-DEOXYGUANOSINE-5'-MONOPHOSPHATE 'C10 H14 N5 O7 P'
DT DNA linking THYMIDINE-5'-MONOPHOSPHATE 'C10 H15 N2 O8 P'
#